data_1DS1
#
_entry.id   1DS1
#
_cell.length_a   67.08
_cell.length_b   67.94
_cell.length_c   68.87
_cell.angle_alpha   90.0
_cell.angle_beta   90.0
_cell.angle_gamma   90.0
#
_symmetry.space_group_name_H-M   'P 21 21 21'
#
loop_
_entity.id
_entity.type
_entity.pdbx_description
1 polymer 'CLAVAMINATE SYNTHASE 1'
2 non-polymer 'SULFATE ION'
3 non-polymer 'FE (II) ION'
4 non-polymer '2-OXOGLUTARIC ACID'
5 non-polymer S-1,2-PROPANEDIOL
6 water water
#
_entity_poly.entity_id   1
_entity_poly.type   'polypeptide(L)'
_entity_poly.pdbx_seq_one_letter_code
;MTSVDCTAYGPELRALAARLPRTPRADLYAFLDAAHTAAASLPGALATALDTFNAEGSEDGHLLLRGLPVEADADLPTTP
SSTPAPEDRSLLTMEAMLGLVGRRLGLHTGYRELRSGTVYHDVYPSPGAHHLSSETSETLLEFHTEMAYHRLQPNYVMLA
CSRADHERTAATLVASVRKALPLLDERTRARLLDRRMPCCVDVAFRGGVDDPGAIAQVKPLYGDADDPFLGYDRELLAPE
DPADKEAVAALSKALDEVTEAVYLEPGDLLIVDNFRTTHARTPFSPRWDGKDRWLHRVYIRTDRNGQLSGGERAGDVVAF
TPRG
;
_entity_poly.pdbx_strand_id   A
#
# COMPACT_ATOMS: atom_id res chain seq x y z
N THR A 2 -5.69 -10.84 8.38
CA THR A 2 -5.82 -10.87 9.86
C THR A 2 -6.53 -9.61 10.25
N SER A 3 -7.35 -9.55 11.25
CA SER A 3 -8.12 -8.40 11.67
C SER A 3 -7.95 -8.16 13.16
N VAL A 4 -7.98 -6.90 13.50
CA VAL A 4 -8.07 -6.47 14.88
C VAL A 4 -9.19 -5.47 15.07
N ASP A 5 -10.08 -5.72 15.99
CA ASP A 5 -11.18 -4.82 16.32
C ASP A 5 -10.67 -3.83 17.29
N CYS A 6 -10.54 -2.58 16.93
CA CYS A 6 -9.96 -1.53 17.72
C CYS A 6 -10.99 -0.65 18.44
N THR A 7 -12.24 -1.02 18.35
CA THR A 7 -13.32 -0.21 18.93
C THR A 7 -13.08 0.18 20.38
N ALA A 8 -12.66 -0.75 21.21
CA ALA A 8 -12.50 -0.47 22.63
C ALA A 8 -11.34 0.48 22.87
N TYR A 9 -10.49 0.68 21.87
CA TYR A 9 -9.34 1.58 22.02
C TYR A 9 -9.64 3.01 21.64
N GLY A 10 -10.88 3.33 21.30
CA GLY A 10 -11.20 4.65 20.78
C GLY A 10 -10.71 5.77 21.70
N PRO A 11 -11.04 5.77 22.95
CA PRO A 11 -10.57 6.88 23.82
C PRO A 11 -9.07 7.04 23.83
N GLU A 12 -8.34 5.96 24.00
CA GLU A 12 -6.88 6.02 24.01
C GLU A 12 -6.31 6.49 22.67
N LEU A 13 -6.90 6.09 21.54
CA LEU A 13 -6.37 6.43 20.23
C LEU A 13 -6.72 7.89 19.90
N ARG A 14 -7.87 8.39 20.32
CA ARG A 14 -8.20 9.80 20.16
C ARG A 14 -7.21 10.63 20.95
N ALA A 15 -6.83 10.19 22.15
CA ALA A 15 -5.79 10.89 22.92
C ALA A 15 -4.45 10.90 22.22
N LEU A 16 -3.98 9.74 21.74
CA LEU A 16 -2.69 9.74 21.04
C LEU A 16 -2.74 10.67 19.82
N ALA A 17 -3.86 10.68 19.09
CA ALA A 17 -3.93 11.59 17.94
C ALA A 17 -3.79 13.05 18.34
N ALA A 18 -4.32 13.42 19.52
CA ALA A 18 -4.28 14.77 20.04
C ALA A 18 -2.87 15.18 20.45
N ARG A 19 -1.91 14.26 20.57
CA ARG A 19 -0.52 14.61 20.84
C ARG A 19 0.14 15.21 19.62
N LEU A 20 -0.40 14.97 18.42
CA LEU A 20 0.31 15.26 17.19
C LEU A 20 0.11 16.67 16.67
N PRO A 21 1.11 17.24 15.98
CA PRO A 21 0.91 18.56 15.35
C PRO A 21 -0.33 18.59 14.47
N ARG A 22 -1.03 19.74 14.52
CA ARG A 22 -2.30 19.89 13.83
C ARG A 22 -2.19 20.17 12.33
N THR A 23 -1.02 20.56 11.87
CA THR A 23 -0.81 20.85 10.43
C THR A 23 0.37 19.97 9.94
N PRO A 24 0.10 18.69 9.66
CA PRO A 24 1.23 17.74 9.51
C PRO A 24 2.23 18.12 8.45
N ARG A 25 1.75 18.59 7.30
CA ARG A 25 2.65 18.78 6.16
C ARG A 25 3.56 19.98 6.34
N ALA A 26 3.22 20.94 7.21
CA ALA A 26 4.07 22.11 7.40
C ALA A 26 5.43 21.76 8.00
N ASP A 27 5.48 20.66 8.72
CA ASP A 27 6.76 20.17 9.24
C ASP A 27 6.52 18.65 9.41
N LEU A 28 6.63 17.98 8.28
CA LEU A 28 6.26 16.55 8.29
C LEU A 28 7.28 15.76 9.08
N TYR A 29 8.57 16.13 9.07
CA TYR A 29 9.53 15.40 9.89
C TYR A 29 9.19 15.47 11.37
N ALA A 30 8.85 16.66 11.86
CA ALA A 30 8.45 16.79 13.26
C ALA A 30 7.14 16.06 13.56
N PHE A 31 6.17 16.10 12.64
CA PHE A 31 4.91 15.36 12.82
C PHE A 31 5.16 13.89 13.00
N LEU A 32 5.96 13.32 12.14
CA LEU A 32 6.20 11.86 12.17
C LEU A 32 7.09 11.51 13.34
N ASP A 33 7.98 12.37 13.81
CA ASP A 33 8.73 12.10 15.06
C ASP A 33 7.79 12.07 16.25
N ALA A 34 6.82 13.00 16.33
CA ALA A 34 5.82 12.97 17.35
C ALA A 34 5.02 11.68 17.28
N ALA A 35 4.68 11.24 16.08
CA ALA A 35 3.94 10.01 15.93
C ALA A 35 4.74 8.82 16.41
N HIS A 36 6.05 8.79 16.18
CA HIS A 36 6.90 7.70 16.67
C HIS A 36 6.92 7.65 18.17
N THR A 37 7.05 8.81 18.81
CA THR A 37 7.05 8.81 20.28
C THR A 37 5.72 8.29 20.80
N ALA A 38 4.64 8.79 20.23
CA ALA A 38 3.30 8.39 20.65
C ALA A 38 3.04 6.89 20.38
N ALA A 39 3.64 6.33 19.33
CA ALA A 39 3.44 4.91 19.01
C ALA A 39 3.92 3.94 20.08
N ALA A 40 4.86 4.40 20.90
CA ALA A 40 5.28 3.60 22.04
C ALA A 40 4.16 3.42 23.05
N SER A 41 3.08 4.21 23.01
CA SER A 41 1.99 4.19 23.96
C SER A 41 0.74 3.56 23.35
N LEU A 42 0.91 2.91 22.17
CA LEU A 42 -0.27 2.22 21.62
C LEU A 42 -0.78 1.17 22.58
N PRO A 43 -2.10 0.92 22.66
CA PRO A 43 -2.59 -0.16 23.53
C PRO A 43 -1.86 -1.48 23.29
N GLY A 44 -1.54 -2.18 24.37
CA GLY A 44 -0.69 -3.33 24.28
C GLY A 44 -1.04 -4.35 23.25
N ALA A 45 -2.30 -4.73 23.13
CA ALA A 45 -2.65 -5.81 22.21
C ALA A 45 -2.53 -5.33 20.77
N LEU A 46 -2.76 -4.02 20.51
CA LEU A 46 -2.54 -3.47 19.19
C LEU A 46 -1.08 -3.42 18.83
N ALA A 47 -0.25 -2.98 19.77
CA ALA A 47 1.19 -3.02 19.59
C ALA A 47 1.70 -4.40 19.31
N THR A 48 1.18 -5.39 20.03
CA THR A 48 1.63 -6.80 19.80
C THR A 48 1.26 -7.25 18.40
N ALA A 49 0.01 -6.98 17.98
CA ALA A 49 -0.44 -7.40 16.66
C ALA A 49 0.41 -6.79 15.56
N LEU A 50 0.74 -5.49 15.71
CA LEU A 50 1.56 -4.78 14.74
C LEU A 50 2.98 -5.34 14.70
N ASP A 51 3.58 -5.55 15.85
CA ASP A 51 4.98 -6.05 15.89
C ASP A 51 5.04 -7.46 15.32
N THR A 52 4.05 -8.30 15.63
CA THR A 52 4.02 -9.68 15.13
C THR A 52 3.91 -9.65 13.60
N PHE A 53 2.95 -8.83 13.07
CA PHE A 53 2.79 -8.77 11.64
C PHE A 53 4.05 -8.23 10.97
N ASN A 54 4.69 -7.23 11.57
CA ASN A 54 5.87 -6.66 11.03
C ASN A 54 7.00 -7.68 10.88
N ALA A 55 7.22 -8.45 11.96
CA ALA A 55 8.31 -9.44 11.96
C ALA A 55 8.03 -10.66 11.10
N GLU A 56 6.78 -11.15 11.16
CA GLU A 56 6.41 -12.45 10.64
C GLU A 56 5.53 -12.43 9.40
N GLY A 57 4.88 -11.32 9.11
CA GLY A 57 3.77 -11.34 8.19
C GLY A 57 2.64 -12.22 8.71
N SER A 58 1.82 -12.66 7.75
CA SER A 58 0.76 -13.58 8.06
C SER A 58 0.51 -14.45 6.85
N GLU A 59 -0.31 -15.53 7.02
CA GLU A 59 -0.65 -16.37 5.89
C GLU A 59 -1.42 -15.60 4.84
N ASP A 60 -2.33 -14.71 5.29
CA ASP A 60 -3.21 -13.98 4.38
C ASP A 60 -2.62 -12.65 3.92
N GLY A 61 -1.43 -12.26 4.30
CA GLY A 61 -0.68 -11.14 3.84
C GLY A 61 -1.18 -9.78 4.16
N HIS A 62 -2.07 -9.58 5.12
CA HIS A 62 -2.56 -8.26 5.47
C HIS A 62 -2.99 -8.23 6.92
N LEU A 63 -3.02 -7.03 7.47
CA LEU A 63 -3.55 -6.75 8.81
C LEU A 63 -4.53 -5.61 8.69
N LEU A 64 -5.79 -5.88 9.02
CA LEU A 64 -6.89 -4.93 8.94
C LEU A 64 -7.28 -4.47 10.34
N LEU A 65 -7.11 -3.20 10.60
CA LEU A 65 -7.54 -2.59 11.85
C LEU A 65 -8.91 -2.00 11.63
N ARG A 66 -9.89 -2.40 12.41
CA ARG A 66 -11.27 -1.94 12.19
C ARG A 66 -11.76 -1.11 13.38
N GLY A 67 -12.62 -0.12 13.14
CA GLY A 67 -13.21 0.66 14.20
C GLY A 67 -12.31 1.70 14.83
N LEU A 68 -11.33 2.21 14.13
CA LEU A 68 -10.51 3.32 14.59
C LEU A 68 -11.38 4.58 14.60
N PRO A 69 -11.01 5.52 15.43
CA PRO A 69 -11.81 6.75 15.55
C PRO A 69 -11.66 7.39 14.18
N VAL A 70 -12.63 7.75 13.58
CA VAL A 70 -12.80 8.57 12.43
C VAL A 70 -13.84 9.62 12.70
N GLU A 71 -13.70 10.80 12.12
CA GLU A 71 -14.72 11.81 12.17
C GLU A 71 -16.04 11.32 11.64
N ALA A 72 -17.14 11.85 12.20
CA ALA A 72 -18.45 11.68 11.56
C ALA A 72 -18.39 12.26 10.13
N ASP A 73 -19.16 11.68 9.22
CA ASP A 73 -19.09 12.13 7.83
C ASP A 73 -19.32 13.62 7.69
N ALA A 74 -20.22 14.20 8.49
CA ALA A 74 -20.54 15.63 8.35
C ALA A 74 -19.39 16.48 8.86
N ASP A 75 -18.47 15.89 9.59
CA ASP A 75 -17.37 16.67 10.18
C ASP A 75 -16.10 16.57 9.37
N LEU A 76 -16.12 15.87 8.23
CA LEU A 76 -15.00 15.79 7.30
C LEU A 76 -15.05 16.92 6.28
N PRO A 77 -13.91 17.30 5.72
CA PRO A 77 -13.92 18.18 4.55
C PRO A 77 -14.65 17.52 3.37
N THR A 78 -14.88 18.34 2.38
CA THR A 78 -15.27 17.86 1.07
C THR A 78 -14.25 16.85 0.54
N THR A 79 -14.68 15.73 -0.06
CA THR A 79 -13.69 14.80 -0.65
C THR A 79 -12.81 15.57 -1.63
N PRO A 80 -11.48 15.40 -1.55
CA PRO A 80 -10.60 16.09 -2.52
C PRO A 80 -10.90 15.76 -3.97
N SER A 81 -10.59 16.72 -4.81
CA SER A 81 -10.79 16.74 -6.23
C SER A 81 -9.46 16.73 -6.99
N SER A 82 -8.33 16.86 -6.30
CA SER A 82 -7.04 17.15 -6.93
C SER A 82 -5.92 16.74 -5.99
N THR A 83 -4.72 16.70 -6.56
CA THR A 83 -3.47 16.34 -5.90
C THR A 83 -2.40 17.32 -6.40
N PRO A 84 -1.46 17.78 -5.61
CA PRO A 84 -1.24 17.44 -4.18
C PRO A 84 -2.19 18.13 -3.22
N ALA A 85 -2.22 17.66 -1.99
CA ALA A 85 -3.01 18.31 -0.96
C ALA A 85 -2.37 19.62 -0.51
N PRO A 86 -3.17 20.58 -0.04
CA PRO A 86 -2.59 21.82 0.54
C PRO A 86 -1.72 21.50 1.75
N GLU A 87 -0.54 22.13 1.85
CA GLU A 87 0.36 21.92 2.97
C GLU A 87 -0.30 22.38 4.26
N ASP A 88 -1.21 23.34 4.19
CA ASP A 88 -1.92 23.89 5.36
C ASP A 88 -3.10 23.02 5.76
N ARG A 89 -3.42 21.90 5.15
CA ARG A 89 -4.63 21.15 5.51
C ARG A 89 -4.55 20.62 6.95
N SER A 90 -5.60 20.86 7.75
CA SER A 90 -5.56 20.40 9.14
C SER A 90 -5.62 18.86 9.19
N LEU A 91 -4.97 18.34 10.24
CA LEU A 91 -4.93 16.92 10.48
C LEU A 91 -6.29 16.25 10.51
N LEU A 92 -6.42 15.10 9.81
CA LEU A 92 -7.57 14.23 9.87
C LEU A 92 -7.27 13.04 10.76
N THR A 93 -8.26 12.53 11.48
CA THR A 93 -7.96 11.46 12.46
C THR A 93 -7.38 10.23 11.78
N MET A 94 -7.85 9.86 10.59
CA MET A 94 -7.26 8.67 9.96
C MET A 94 -5.83 8.90 9.53
N GLU A 95 -5.46 10.13 9.22
CA GLU A 95 -4.04 10.49 8.98
C GLU A 95 -3.20 10.32 10.24
N ALA A 96 -3.76 10.75 11.39
CA ALA A 96 -3.12 10.53 12.68
C ALA A 96 -2.88 9.02 12.89
N MET A 97 -3.88 8.22 12.61
CA MET A 97 -3.76 6.75 12.73
C MET A 97 -2.67 6.22 11.84
N LEU A 98 -2.58 6.71 10.59
CA LEU A 98 -1.47 6.29 9.72
C LEU A 98 -0.10 6.71 10.23
N GLY A 99 -0.04 7.85 10.94
CA GLY A 99 1.20 8.28 11.59
C GLY A 99 1.62 7.30 12.66
N LEU A 100 0.68 7.03 13.62
CA LEU A 100 1.00 6.18 14.76
C LEU A 100 1.33 4.76 14.33
N VAL A 101 0.38 4.15 13.56
CA VAL A 101 0.56 2.76 13.13
C VAL A 101 1.73 2.63 12.19
N GLY A 102 1.91 3.60 11.28
CA GLY A 102 3.03 3.59 10.37
C GLY A 102 4.36 3.65 11.10
N ARG A 103 4.49 4.53 12.08
CA ARG A 103 5.78 4.58 12.78
C ARG A 103 6.02 3.39 13.69
N ARG A 104 4.98 2.69 14.12
CA ARG A 104 5.19 1.44 14.84
C ARG A 104 5.91 0.45 13.92
N LEU A 105 5.60 0.49 12.62
CA LEU A 105 6.17 -0.43 11.65
C LEU A 105 7.49 0.02 11.03
N GLY A 106 7.64 1.29 10.72
CA GLY A 106 8.83 1.78 9.99
C GLY A 106 8.70 3.23 9.58
N LEU A 107 9.29 3.50 8.43
CA LEU A 107 9.50 4.87 7.95
C LEU A 107 8.61 5.21 6.77
N HIS A 108 7.76 6.19 6.93
CA HIS A 108 6.94 6.76 5.87
C HIS A 108 7.87 7.25 4.78
N THR A 109 7.57 6.95 3.50
CA THR A 109 8.43 7.25 2.38
C THR A 109 7.63 7.80 1.21
N GLY A 110 8.05 8.94 0.69
CA GLY A 110 7.54 9.49 -0.56
C GLY A 110 8.49 9.10 -1.71
N TYR A 111 7.97 9.19 -2.94
CA TYR A 111 8.66 8.83 -4.16
C TYR A 111 8.62 10.08 -5.06
N ARG A 112 9.79 10.64 -5.40
CA ARG A 112 9.90 11.99 -5.96
C ARG A 112 8.99 12.22 -7.13
N GLU A 113 8.92 11.27 -8.04
CA GLU A 113 8.23 11.37 -9.29
C GLU A 113 6.75 11.16 -9.20
N LEU A 114 6.28 10.68 -8.04
CA LEU A 114 4.90 10.28 -7.81
C LEU A 114 4.16 11.24 -6.90
N ARG A 115 2.97 11.70 -7.31
CA ARG A 115 2.10 12.57 -6.48
C ARG A 115 2.88 13.77 -5.97
N SER A 116 3.65 14.38 -6.89
CA SER A 116 4.36 15.64 -6.60
C SER A 116 5.39 15.43 -5.48
N GLY A 117 5.85 14.23 -5.24
CA GLY A 117 6.79 13.95 -4.18
C GLY A 117 6.24 14.08 -2.78
N THR A 118 4.92 13.93 -2.62
CA THR A 118 4.32 13.99 -1.29
C THR A 118 4.32 12.59 -0.65
N VAL A 119 4.04 12.57 0.63
CA VAL A 119 4.05 11.35 1.47
C VAL A 119 2.66 10.80 1.74
N TYR A 120 1.75 11.68 2.19
CA TYR A 120 0.35 11.29 2.35
C TYR A 120 -0.42 11.51 1.06
N HIS A 121 -1.05 10.46 0.53
CA HIS A 121 -1.79 10.54 -0.72
C HIS A 121 -3.28 10.34 -0.50
N ASP A 122 -4.09 11.30 -0.94
CA ASP A 122 -5.53 11.04 -0.97
C ASP A 122 -5.86 10.15 -2.12
N VAL A 123 -6.72 9.15 -1.87
CA VAL A 123 -7.17 8.21 -2.94
C VAL A 123 -8.68 8.44 -3.10
N TYR A 124 -9.07 9.04 -4.19
CA TYR A 124 -10.42 9.48 -4.52
C TYR A 124 -10.65 9.22 -6.01
N PRO A 125 -11.89 9.05 -6.45
CA PRO A 125 -12.16 8.89 -7.87
C PRO A 125 -12.06 10.25 -8.60
N SER A 126 -11.58 10.18 -9.82
CA SER A 126 -11.50 11.36 -10.69
C SER A 126 -12.00 11.03 -12.09
N PRO A 127 -12.68 11.90 -12.80
CA PRO A 127 -13.13 11.59 -14.18
C PRO A 127 -11.97 11.36 -15.14
N GLY A 128 -12.15 10.41 -16.08
CA GLY A 128 -11.12 10.24 -17.08
C GLY A 128 -9.87 9.53 -16.60
N ALA A 129 -9.99 8.76 -15.49
CA ALA A 129 -8.81 8.14 -14.91
C ALA A 129 -8.06 7.21 -15.85
N HIS A 130 -6.69 7.21 -15.75
CA HIS A 130 -5.90 6.20 -16.45
C HIS A 130 -6.14 4.83 -15.82
N HIS A 131 -6.11 3.79 -16.66
CA HIS A 131 -6.59 2.46 -16.21
C HIS A 131 -5.76 1.84 -15.10
N LEU A 132 -4.53 2.24 -14.90
CA LEU A 132 -3.67 1.80 -13.79
C LEU A 132 -3.72 2.70 -12.56
N SER A 133 -4.48 3.79 -12.58
CA SER A 133 -4.53 4.75 -11.48
C SER A 133 -5.44 4.40 -10.32
N SER A 134 -5.08 4.81 -9.10
CA SER A 134 -5.93 4.80 -7.92
C SER A 134 -7.20 5.63 -8.04
N GLU A 135 -7.42 6.49 -8.95
CA GLU A 135 -8.41 7.41 -9.43
C GLU A 135 -9.51 6.66 -10.19
N THR A 136 -9.25 5.40 -10.55
CA THR A 136 -10.25 4.63 -11.25
C THR A 136 -11.41 4.36 -10.32
N SER A 137 -12.55 3.99 -10.94
CA SER A 137 -13.80 3.71 -10.24
C SER A 137 -14.58 2.65 -10.99
N GLU A 138 -15.09 2.98 -12.17
CA GLU A 138 -15.94 2.04 -12.89
C GLU A 138 -15.19 0.89 -13.55
N THR A 139 -13.90 1.01 -13.72
CA THR A 139 -13.11 -0.11 -14.18
C THR A 139 -12.27 -0.68 -13.04
N LEU A 140 -12.22 -2.04 -13.06
CA LEU A 140 -11.42 -2.79 -12.11
C LEU A 140 -9.96 -2.30 -12.08
N LEU A 141 -9.40 -1.99 -10.94
CA LEU A 141 -7.97 -1.75 -10.81
C LEU A 141 -7.32 -3.11 -10.56
N GLU A 142 -6.60 -3.61 -11.56
CA GLU A 142 -6.09 -4.96 -11.60
C GLU A 142 -4.98 -5.14 -10.52
N PHE A 143 -4.81 -6.43 -10.20
CA PHE A 143 -3.79 -6.82 -9.24
C PHE A 143 -2.40 -6.28 -9.53
N HIS A 144 -1.80 -5.70 -8.52
CA HIS A 144 -0.45 -5.22 -8.55
C HIS A 144 0.16 -5.33 -7.15
N THR A 145 1.44 -5.68 -7.10
CA THR A 145 2.39 -5.34 -6.06
C THR A 145 2.74 -3.87 -6.25
N GLU A 146 2.77 -3.03 -5.26
CA GLU A 146 3.05 -1.61 -5.47
C GLU A 146 4.52 -1.39 -5.80
N MET A 147 4.78 -0.78 -6.96
CA MET A 147 6.20 -0.41 -7.31
C MET A 147 7.13 -1.60 -7.28
N ALA A 148 6.71 -2.78 -7.82
CA ALA A 148 7.52 -3.97 -7.80
C ALA A 148 8.86 -3.78 -8.48
N TYR A 149 8.92 -2.83 -9.45
CA TYR A 149 10.02 -2.53 -10.34
C TYR A 149 11.05 -1.54 -9.74
N HIS A 150 10.73 -1.01 -8.55
CA HIS A 150 11.53 0.06 -7.95
C HIS A 150 12.51 -0.52 -6.95
N ARG A 151 13.79 -0.20 -7.01
CA ARG A 151 14.73 -0.71 -6.02
C ARG A 151 14.35 -0.39 -4.60
N LEU A 152 13.77 0.71 -4.26
CA LEU A 152 13.28 1.24 -3.01
C LEU A 152 11.78 1.01 -2.79
N GLN A 153 11.21 0.00 -3.44
CA GLN A 153 9.87 -0.52 -3.18
C GLN A 153 9.63 -0.65 -1.70
N PRO A 154 8.48 -0.17 -1.24
CA PRO A 154 8.20 -0.22 0.22
C PRO A 154 7.69 -1.58 0.69
N ASN A 155 8.02 -1.96 1.92
CA ASN A 155 7.52 -3.19 2.51
C ASN A 155 5.99 -3.17 2.71
N TYR A 156 5.40 -2.01 3.06
CA TYR A 156 3.97 -1.94 3.31
C TYR A 156 3.32 -0.80 2.53
N VAL A 157 2.11 -1.10 2.06
CA VAL A 157 1.12 -0.08 1.64
C VAL A 157 0.09 -0.01 2.75
N MET A 158 -0.21 1.17 3.27
CA MET A 158 -1.27 1.36 4.24
C MET A 158 -2.37 2.23 3.65
N LEU A 159 -3.63 1.78 3.82
CA LEU A 159 -4.81 2.44 3.29
C LEU A 159 -5.77 2.66 4.44
N ALA A 160 -6.07 3.92 4.75
CA ALA A 160 -7.00 4.32 5.82
C ALA A 160 -8.23 4.95 5.22
N CYS A 161 -9.42 4.51 5.67
CA CYS A 161 -10.65 5.00 5.09
C CYS A 161 -11.32 6.08 5.89
N SER A 162 -11.50 7.28 5.28
CA SER A 162 -12.34 8.32 5.81
C SER A 162 -13.78 8.23 5.28
N ARG A 163 -13.95 8.01 3.99
CA ARG A 163 -15.24 7.72 3.40
C ARG A 163 -15.17 6.49 2.54
N ALA A 164 -16.17 5.61 2.65
CA ALA A 164 -16.39 4.56 1.66
C ALA A 164 -17.18 5.17 0.48
N ASP A 165 -17.26 4.49 -0.64
CA ASP A 165 -18.20 4.89 -1.69
C ASP A 165 -19.64 4.72 -1.21
N HIS A 166 -20.56 5.53 -1.77
CA HIS A 166 -21.94 5.60 -1.29
C HIS A 166 -22.64 4.26 -1.13
N GLU A 167 -22.52 3.37 -2.10
CA GLU A 167 -23.19 2.09 -2.05
C GLU A 167 -22.36 0.96 -1.46
N ARG A 168 -21.15 1.31 -1.02
CA ARG A 168 -20.24 0.33 -0.37
C ARG A 168 -20.03 -0.90 -1.29
N THR A 169 -19.76 -0.61 -2.56
CA THR A 169 -19.52 -1.67 -3.55
C THR A 169 -18.10 -1.88 -3.87
N ALA A 170 -17.19 -0.93 -3.63
CA ALA A 170 -15.77 -1.08 -3.92
C ALA A 170 -15.09 -1.97 -2.88
N ALA A 171 -14.60 -3.12 -3.32
CA ALA A 171 -13.86 -4.04 -2.47
C ALA A 171 -12.39 -3.94 -2.81
N THR A 172 -11.57 -3.95 -1.78
CA THR A 172 -10.12 -4.01 -1.89
C THR A 172 -9.74 -5.50 -1.86
N LEU A 173 -9.10 -6.01 -2.90
CA LEU A 173 -8.78 -7.43 -2.99
C LEU A 173 -7.28 -7.62 -2.67
N VAL A 174 -6.98 -8.68 -1.95
CA VAL A 174 -5.61 -9.04 -1.62
C VAL A 174 -5.40 -10.51 -1.96
N ALA A 175 -4.25 -10.85 -2.51
CA ALA A 175 -3.88 -12.26 -2.81
C ALA A 175 -2.44 -12.45 -2.27
N SER A 176 -2.30 -13.42 -1.38
CA SER A 176 -1.07 -13.72 -0.65
C SER A 176 -0.26 -14.84 -1.25
N VAL A 177 1.05 -14.63 -1.44
CA VAL A 177 1.91 -15.72 -1.96
C VAL A 177 1.91 -16.92 -1.03
N ARG A 178 1.68 -16.76 0.28
CA ARG A 178 1.73 -17.93 1.17
C ARG A 178 0.54 -18.83 0.95
N LYS A 179 -0.58 -18.31 0.46
CA LYS A 179 -1.73 -19.13 0.06
C LYS A 179 -1.64 -19.59 -1.37
N ALA A 180 -1.06 -18.83 -2.28
CA ALA A 180 -0.97 -19.24 -3.69
C ALA A 180 0.09 -20.29 -3.96
N LEU A 181 1.25 -20.20 -3.29
CA LEU A 181 2.39 -21.05 -3.61
C LEU A 181 2.08 -22.52 -3.62
N PRO A 182 1.38 -23.06 -2.63
CA PRO A 182 1.11 -24.51 -2.59
C PRO A 182 0.28 -24.97 -3.75
N LEU A 183 -0.40 -24.09 -4.44
CA LEU A 183 -1.16 -24.44 -5.62
C LEU A 183 -0.34 -24.61 -6.89
N LEU A 184 0.91 -24.15 -6.85
CA LEU A 184 1.82 -24.22 -7.97
C LEU A 184 2.63 -25.50 -7.95
N ASP A 185 2.95 -26.05 -9.12
CA ASP A 185 3.76 -27.29 -9.07
C ASP A 185 5.23 -26.89 -8.98
N GLU A 186 6.04 -27.90 -8.75
CA GLU A 186 7.45 -27.64 -8.47
C GLU A 186 8.16 -27.03 -9.68
N ARG A 187 7.82 -27.47 -10.88
CA ARG A 187 8.51 -26.90 -12.05
C ARG A 187 8.20 -25.42 -12.23
N THR A 188 6.95 -25.03 -11.97
CA THR A 188 6.56 -23.63 -12.05
C THR A 188 7.27 -22.81 -10.98
N ARG A 189 7.29 -23.28 -9.74
CA ARG A 189 8.00 -22.58 -8.67
C ARG A 189 9.47 -22.38 -9.00
N ALA A 190 10.11 -23.42 -9.53
CA ALA A 190 11.53 -23.25 -9.81
C ALA A 190 11.80 -22.30 -10.95
N ARG A 191 10.91 -22.27 -11.95
CA ARG A 191 11.09 -21.33 -13.08
C ARG A 191 10.97 -19.88 -12.62
N LEU A 192 10.01 -19.64 -11.68
CA LEU A 192 9.78 -18.28 -11.22
C LEU A 192 10.84 -17.77 -10.23
N LEU A 193 11.33 -18.67 -9.41
CA LEU A 193 12.17 -18.28 -8.28
C LEU A 193 13.48 -17.65 -8.71
N ASP A 194 13.68 -16.38 -8.33
CA ASP A 194 14.88 -15.62 -8.60
C ASP A 194 15.11 -15.35 -10.07
N ARG A 195 14.10 -15.50 -10.93
CA ARG A 195 14.26 -15.26 -12.36
C ARG A 195 13.79 -13.87 -12.77
N ARG A 196 14.74 -13.06 -13.25
CA ARG A 196 14.43 -11.70 -13.71
C ARG A 196 13.61 -11.70 -14.98
N MET A 197 12.58 -10.87 -14.98
CA MET A 197 11.71 -10.72 -16.13
C MET A 197 11.46 -9.22 -16.37
N PRO A 198 11.32 -8.79 -17.62
CA PRO A 198 11.04 -7.41 -17.92
C PRO A 198 9.76 -6.91 -17.30
N CYS A 199 9.80 -5.68 -16.81
CA CYS A 199 8.61 -5.12 -16.17
C CYS A 199 8.55 -3.62 -16.55
N CYS A 200 7.42 -3.22 -17.13
CA CYS A 200 7.17 -1.78 -17.36
C CYS A 200 6.95 -1.08 -16.04
N VAL A 201 6.99 0.24 -16.06
CA VAL A 201 6.80 1.06 -14.86
C VAL A 201 5.48 1.80 -14.90
N ASP A 202 4.99 2.29 -13.78
CA ASP A 202 3.80 3.11 -13.70
C ASP A 202 4.06 4.47 -14.34
N VAL A 203 2.98 5.14 -14.74
CA VAL A 203 3.04 6.42 -15.45
C VAL A 203 4.02 7.41 -14.84
N ALA A 204 3.96 7.59 -13.51
CA ALA A 204 4.80 8.57 -12.86
C ALA A 204 6.28 8.39 -13.11
N PHE A 205 6.74 7.18 -13.36
CA PHE A 205 8.16 6.82 -13.47
C PHE A 205 8.65 6.68 -14.88
N ARG A 206 7.82 7.02 -15.88
CA ARG A 206 8.19 6.84 -17.26
C ARG A 206 9.20 7.90 -17.69
N GLY A 207 9.86 7.56 -18.77
CA GLY A 207 10.88 8.28 -19.50
C GLY A 207 12.32 7.92 -19.15
N GLY A 208 13.30 8.41 -19.91
CA GLY A 208 14.73 8.22 -19.68
C GLY A 208 15.18 6.78 -19.85
N VAL A 209 14.39 6.00 -20.61
CA VAL A 209 14.81 4.60 -20.79
C VAL A 209 15.56 4.55 -22.12
N ASP A 210 16.87 4.51 -21.96
CA ASP A 210 17.86 4.69 -23.02
C ASP A 210 17.73 3.61 -24.10
N ASP A 211 17.41 2.41 -23.66
CA ASP A 211 17.47 1.26 -24.59
C ASP A 211 16.73 0.11 -23.91
N PRO A 212 16.42 -1.00 -24.57
CA PRO A 212 15.68 -2.10 -23.92
C PRO A 212 16.47 -2.66 -22.73
N GLY A 213 17.80 -2.41 -22.75
CA GLY A 213 18.66 -2.77 -21.65
C GLY A 213 18.28 -2.20 -20.30
N ALA A 214 17.64 -1.06 -20.42
CA ALA A 214 17.39 -0.20 -19.29
C ALA A 214 16.05 -0.49 -18.63
N ILE A 215 15.28 -1.34 -19.26
CA ILE A 215 13.95 -1.73 -18.77
C ILE A 215 14.09 -2.38 -17.42
N ALA A 216 13.22 -2.14 -16.46
CA ALA A 216 13.26 -2.76 -15.13
C ALA A 216 13.08 -4.28 -15.20
N GLN A 217 13.72 -4.95 -14.24
CA GLN A 217 13.63 -6.40 -14.14
C GLN A 217 13.08 -6.81 -12.79
N VAL A 218 12.05 -7.65 -12.79
CA VAL A 218 11.33 -8.05 -11.59
C VAL A 218 11.45 -9.59 -11.46
N LYS A 219 11.74 -10.07 -10.25
CA LYS A 219 11.76 -11.49 -9.96
C LYS A 219 10.39 -11.85 -9.38
N PRO A 220 9.53 -12.60 -10.08
CA PRO A 220 8.17 -12.76 -9.54
C PRO A 220 8.13 -13.50 -8.22
N LEU A 221 9.05 -14.43 -7.99
CA LEU A 221 9.27 -15.01 -6.69
C LEU A 221 10.74 -14.80 -6.36
N TYR A 222 11.12 -14.57 -5.11
CA TYR A 222 12.50 -14.43 -4.74
C TYR A 222 12.65 -14.70 -3.25
N GLY A 223 13.93 -14.93 -2.91
CA GLY A 223 14.27 -15.29 -1.55
C GLY A 223 14.12 -16.76 -1.21
N ASP A 224 13.85 -17.03 0.07
CA ASP A 224 13.78 -18.43 0.52
C ASP A 224 12.81 -19.25 -0.29
N ALA A 225 13.28 -20.36 -0.89
CA ALA A 225 12.41 -21.18 -1.73
C ALA A 225 11.18 -21.69 -1.00
N ASP A 226 11.24 -21.90 0.30
CA ASP A 226 10.08 -22.41 1.00
C ASP A 226 9.18 -21.31 1.55
N ASP A 227 9.59 -20.06 1.48
CA ASP A 227 8.73 -18.93 1.91
C ASP A 227 9.08 -17.67 1.13
N PRO A 228 8.94 -17.72 -0.20
CA PRO A 228 9.44 -16.64 -1.04
C PRO A 228 8.59 -15.38 -0.93
N PHE A 229 9.24 -14.30 -1.29
CA PHE A 229 8.59 -13.01 -1.55
C PHE A 229 8.01 -13.04 -2.95
N LEU A 230 7.09 -12.12 -3.22
CA LEU A 230 6.33 -11.99 -4.44
C LEU A 230 6.50 -10.63 -5.07
N GLY A 231 6.68 -10.58 -6.38
CA GLY A 231 6.58 -9.33 -7.11
C GLY A 231 5.74 -9.57 -8.38
N TYR A 232 4.52 -9.06 -8.44
CA TYR A 232 3.58 -9.36 -9.49
C TYR A 232 2.82 -8.09 -9.87
N ASP A 233 2.71 -7.88 -11.20
CA ASP A 233 1.87 -6.77 -11.69
C ASP A 233 1.19 -7.31 -12.95
N ARG A 234 -0.10 -7.51 -12.90
CA ARG A 234 -0.85 -8.09 -13.98
C ARG A 234 -0.66 -7.34 -15.29
N GLU A 235 -0.59 -6.02 -15.25
CA GLU A 235 -0.49 -5.20 -16.44
C GLU A 235 0.95 -4.92 -16.78
N LEU A 236 1.85 -4.75 -15.84
CA LEU A 236 3.17 -4.24 -16.19
C LEU A 236 4.22 -5.34 -16.39
N LEU A 237 4.08 -6.55 -15.82
CA LEU A 237 5.06 -7.61 -15.93
C LEU A 237 4.95 -8.18 -17.34
N ALA A 238 6.09 -8.33 -18.03
CA ALA A 238 6.12 -8.67 -19.44
C ALA A 238 7.11 -9.80 -19.76
N PRO A 239 6.78 -11.00 -19.33
CA PRO A 239 7.66 -12.14 -19.64
C PRO A 239 7.83 -12.38 -21.13
N GLU A 240 9.02 -12.77 -21.60
CA GLU A 240 9.19 -12.92 -23.03
C GLU A 240 9.26 -14.40 -23.47
N ASP A 241 9.92 -15.32 -22.78
CA ASP A 241 10.00 -16.67 -23.31
C ASP A 241 8.72 -17.44 -23.01
N PRO A 242 8.40 -18.38 -23.88
CA PRO A 242 7.15 -19.14 -23.68
C PRO A 242 7.02 -19.75 -22.29
N ALA A 243 8.13 -20.30 -21.79
CA ALA A 243 8.09 -20.93 -20.46
C ALA A 243 7.87 -19.92 -19.34
N ASP A 244 8.38 -18.70 -19.49
CA ASP A 244 8.13 -17.65 -18.55
C ASP A 244 6.67 -17.22 -18.59
N LYS A 245 6.08 -17.10 -19.78
CA LYS A 245 4.68 -16.61 -19.90
C LYS A 245 3.79 -17.63 -19.26
N GLU A 246 4.10 -18.91 -19.49
CA GLU A 246 3.31 -19.96 -18.91
C GLU A 246 3.40 -20.00 -17.38
N ALA A 247 4.58 -19.82 -16.81
CA ALA A 247 4.78 -19.79 -15.38
C ALA A 247 4.07 -18.59 -14.73
N VAL A 248 4.18 -17.44 -15.39
CA VAL A 248 3.45 -16.26 -14.83
C VAL A 248 1.95 -16.48 -14.93
N ALA A 249 1.48 -17.08 -16.00
CA ALA A 249 0.02 -17.35 -16.08
C ALA A 249 -0.42 -18.29 -14.97
N ALA A 250 0.36 -19.30 -14.57
CA ALA A 250 0.01 -20.20 -13.46
C ALA A 250 0.00 -19.44 -12.13
N LEU A 251 1.01 -18.58 -11.93
CA LEU A 251 1.01 -17.71 -10.75
C LEU A 251 -0.26 -16.84 -10.69
N SER A 252 -0.57 -16.21 -11.82
CA SER A 252 -1.77 -15.34 -11.92
C SER A 252 -3.04 -16.09 -11.52
N LYS A 253 -3.20 -17.29 -12.03
CA LYS A 253 -4.35 -18.13 -11.74
C LYS A 253 -4.42 -18.48 -10.27
N ALA A 254 -3.30 -18.87 -9.67
CA ALA A 254 -3.23 -19.24 -8.28
C ALA A 254 -3.59 -18.02 -7.40
N LEU A 255 -3.07 -16.83 -7.72
CA LEU A 255 -3.41 -15.64 -6.95
C LEU A 255 -4.92 -15.38 -7.03
N ASP A 256 -5.51 -15.55 -8.22
CA ASP A 256 -6.97 -15.34 -8.31
C ASP A 256 -7.67 -16.33 -7.40
N GLU A 257 -7.23 -17.57 -7.37
CA GLU A 257 -7.95 -18.61 -6.61
C GLU A 257 -7.87 -18.40 -5.10
N VAL A 258 -6.94 -17.59 -4.61
CA VAL A 258 -6.80 -17.34 -3.18
C VAL A 258 -7.16 -15.91 -2.82
N THR A 259 -7.76 -15.21 -3.76
CA THR A 259 -8.18 -13.80 -3.50
C THR A 259 -9.07 -13.68 -2.27
N GLU A 260 -8.83 -12.66 -1.45
CA GLU A 260 -9.66 -12.29 -0.32
C GLU A 260 -10.15 -10.86 -0.56
N ALA A 261 -11.40 -10.56 -0.23
CA ALA A 261 -12.01 -9.24 -0.39
C ALA A 261 -12.25 -8.59 0.95
N VAL A 262 -11.88 -7.29 0.99
CA VAL A 262 -12.10 -6.43 2.15
C VAL A 262 -12.89 -5.22 1.75
N TYR A 263 -14.01 -4.94 2.38
CA TYR A 263 -14.74 -3.69 2.11
C TYR A 263 -14.29 -2.66 3.12
N LEU A 264 -13.51 -1.67 2.70
CA LEU A 264 -13.06 -0.63 3.62
C LEU A 264 -14.20 0.29 4.02
N GLU A 265 -14.46 0.49 5.27
CA GLU A 265 -15.42 1.43 5.79
C GLU A 265 -14.74 2.45 6.64
N PRO A 266 -15.40 3.56 6.93
CA PRO A 266 -14.76 4.62 7.73
C PRO A 266 -14.22 4.05 9.06
N GLY A 267 -12.98 4.38 9.36
CA GLY A 267 -12.32 3.85 10.53
C GLY A 267 -11.46 2.63 10.32
N ASP A 268 -11.45 2.08 9.11
CA ASP A 268 -10.62 0.94 8.78
C ASP A 268 -9.24 1.43 8.31
N LEU A 269 -8.22 0.64 8.64
CA LEU A 269 -6.86 0.88 8.20
C LEU A 269 -6.31 -0.49 7.80
N LEU A 270 -6.04 -0.65 6.49
CA LEU A 270 -5.52 -1.92 5.93
C LEU A 270 -4.04 -1.81 5.73
N ILE A 271 -3.28 -2.74 6.29
CA ILE A 271 -1.83 -2.85 6.11
C ILE A 271 -1.57 -4.03 5.17
N VAL A 272 -1.10 -3.75 3.96
CA VAL A 272 -0.77 -4.77 2.98
C VAL A 272 0.71 -5.08 3.01
N ASP A 273 1.10 -6.33 3.17
CA ASP A 273 2.48 -6.80 3.07
C ASP A 273 2.86 -6.77 1.59
N ASN A 274 3.49 -5.70 1.17
CA ASN A 274 3.81 -5.43 -0.21
C ASN A 274 4.99 -6.24 -0.75
N PHE A 275 5.60 -7.11 0.06
CA PHE A 275 6.57 -8.07 -0.45
C PHE A 275 5.97 -9.46 -0.53
N ARG A 276 4.71 -9.66 -0.13
CA ARG A 276 4.11 -10.99 -0.13
C ARG A 276 2.73 -11.08 -0.70
N THR A 277 2.16 -9.96 -1.18
CA THR A 277 0.80 -9.86 -1.57
C THR A 277 0.63 -8.90 -2.70
N THR A 278 -0.34 -9.18 -3.58
CA THR A 278 -0.79 -8.24 -4.64
C THR A 278 -2.15 -7.71 -4.24
N HIS A 279 -2.52 -6.52 -4.71
CA HIS A 279 -3.83 -5.94 -4.34
C HIS A 279 -4.49 -5.32 -5.56
N ALA A 280 -5.80 -5.10 -5.41
CA ALA A 280 -6.69 -4.65 -6.49
C ALA A 280 -7.89 -3.96 -5.92
N ARG A 281 -8.73 -3.32 -6.70
CA ARG A 281 -9.96 -2.70 -6.25
C ARG A 281 -11.08 -2.86 -7.26
N THR A 282 -12.25 -3.33 -6.82
CA THR A 282 -13.37 -3.62 -7.72
C THR A 282 -14.12 -2.36 -8.10
N PRO A 283 -15.01 -2.41 -9.11
CA PRO A 283 -15.71 -1.20 -9.57
C PRO A 283 -16.68 -0.54 -8.60
N PHE A 284 -16.82 0.76 -8.77
CA PHE A 284 -17.85 1.53 -8.16
C PHE A 284 -18.14 2.75 -9.00
N SER A 285 -19.30 3.35 -8.78
CA SER A 285 -19.80 4.49 -9.57
C SER A 285 -19.80 5.75 -8.72
N PRO A 286 -18.86 6.68 -8.99
CA PRO A 286 -18.84 7.95 -8.24
C PRO A 286 -20.07 8.79 -8.51
N ARG A 287 -20.34 9.69 -7.56
CA ARG A 287 -21.46 10.61 -7.74
C ARG A 287 -21.01 12.04 -8.01
N TRP A 288 -19.75 12.37 -7.81
CA TRP A 288 -19.25 13.75 -8.04
C TRP A 288 -20.04 14.72 -7.16
N ASP A 289 -20.29 14.41 -5.90
CA ASP A 289 -21.16 15.17 -5.00
C ASP A 289 -20.42 15.75 -3.82
N GLY A 290 -19.10 15.62 -3.76
CA GLY A 290 -18.36 16.12 -2.62
C GLY A 290 -18.21 15.11 -1.50
N LYS A 291 -18.83 13.93 -1.61
CA LYS A 291 -18.81 12.90 -0.60
C LYS A 291 -18.38 11.57 -1.19
N ASP A 292 -17.65 11.55 -2.31
CA ASP A 292 -17.13 10.30 -2.85
C ASP A 292 -16.13 9.65 -1.91
N ARG A 293 -15.88 8.37 -2.23
CA ARG A 293 -14.89 7.53 -1.55
C ARG A 293 -13.57 8.29 -1.35
N TRP A 294 -13.00 8.13 -0.17
CA TRP A 294 -11.82 8.87 0.26
C TRP A 294 -10.97 8.02 1.18
N LEU A 295 -9.86 7.53 0.68
CA LEU A 295 -8.83 6.85 1.42
C LEU A 295 -7.60 7.75 1.55
N HIS A 296 -6.74 7.45 2.52
CA HIS A 296 -5.44 8.04 2.69
C HIS A 296 -4.41 6.92 2.58
N ARG A 297 -3.39 7.11 1.77
CA ARG A 297 -2.36 6.13 1.52
C ARG A 297 -0.99 6.61 1.92
N VAL A 298 -0.23 5.74 2.60
CA VAL A 298 1.20 5.95 2.83
C VAL A 298 1.95 4.66 2.54
N TYR A 299 3.23 4.81 2.32
CA TYR A 299 4.17 3.73 2.08
C TYR A 299 5.18 3.68 3.22
N ILE A 300 5.44 2.47 3.73
CA ILE A 300 6.34 2.28 4.86
C ILE A 300 7.53 1.39 4.47
N ARG A 301 8.73 1.89 4.72
CA ARG A 301 9.98 1.14 4.59
C ARG A 301 10.41 0.60 5.98
N THR A 302 11.06 -0.58 5.94
CA THR A 302 11.57 -1.27 7.11
C THR A 302 13.02 -1.72 6.85
N ASP A 303 13.63 -2.43 7.81
CA ASP A 303 14.96 -2.96 7.67
C ASP A 303 15.06 -4.19 6.78
N ARG A 304 13.98 -4.85 6.39
CA ARG A 304 13.88 -6.03 5.58
C ARG A 304 14.55 -5.84 4.24
N ASN A 305 15.34 -6.79 3.75
CA ASN A 305 15.80 -6.82 2.36
C ASN A 305 16.40 -5.63 1.69
N GLY A 306 17.19 -4.60 2.05
CA GLY A 306 17.49 -3.60 1.01
C GLY A 306 16.79 -2.29 0.71
N GLN A 307 15.84 -1.95 1.51
CA GLN A 307 15.04 -0.73 1.49
C GLN A 307 15.85 0.44 2.04
N LEU A 308 16.71 0.19 3.02
CA LEU A 308 17.43 1.23 3.80
C LEU A 308 18.94 1.03 3.77
N SER A 309 19.70 2.10 3.62
CA SER A 309 21.13 2.05 3.59
C SER A 309 21.80 2.93 4.63
N GLY A 310 21.05 3.65 5.42
CA GLY A 310 21.55 4.45 6.52
C GLY A 310 21.09 5.91 6.47
N GLY A 311 20.69 6.45 7.62
CA GLY A 311 20.37 7.87 7.73
C GLY A 311 18.95 8.22 7.33
N GLU A 312 18.13 7.29 6.93
CA GLU A 312 16.78 7.62 6.50
C GLU A 312 15.93 8.10 7.69
N ARG A 313 14.98 8.96 7.38
CA ARG A 313 13.97 9.42 8.31
C ARG A 313 12.58 9.22 7.70
N ALA A 314 11.60 9.03 8.58
CA ALA A 314 10.20 9.02 8.19
C ALA A 314 9.86 10.40 7.66
N GLY A 315 9.38 10.42 6.41
CA GLY A 315 9.09 11.63 5.70
C GLY A 315 10.02 11.87 4.53
N ASP A 316 11.12 11.13 4.42
CA ASP A 316 11.99 11.28 3.29
C ASP A 316 11.29 10.94 1.97
N VAL A 317 11.82 11.56 0.90
CA VAL A 317 11.34 11.37 -0.46
C VAL A 317 12.49 10.86 -1.33
N VAL A 318 12.34 9.70 -1.96
CA VAL A 318 13.44 9.05 -2.65
C VAL A 318 13.23 9.10 -4.15
N ALA A 319 14.33 9.09 -4.91
CA ALA A 319 14.30 9.13 -6.35
C ALA A 319 14.22 7.75 -6.96
N PHE A 320 13.87 7.70 -8.25
CA PHE A 320 13.67 6.42 -8.90
C PHE A 320 14.99 5.75 -9.35
N THR A 321 15.14 4.50 -9.01
CA THR A 321 16.13 3.59 -9.60
C THR A 321 15.41 2.28 -9.90
N PRO A 322 15.43 1.79 -11.15
CA PRO A 322 14.76 0.50 -11.45
C PRO A 322 15.54 -0.67 -10.89
N ARG A 323 14.83 -1.73 -10.53
CA ARG A 323 15.47 -3.02 -10.28
C ARG A 323 16.13 -3.57 -11.52
N GLY A 324 17.25 -4.25 -11.35
CA GLY A 324 17.93 -4.86 -12.46
C GLY A 324 18.57 -6.20 -12.19
#